data_6YIU
#
_entry.id   6YIU
#
_cell.length_a   54.693
_cell.length_b   54.693
_cell.length_c   107.487
_cell.angle_alpha   90.000
_cell.angle_beta   90.000
_cell.angle_gamma   120.000
#
_symmetry.space_group_name_H-M   'P 31 2 1'
#
loop_
_entity.id
_entity.type
_entity.pdbx_description
1 polymer 'Cationic trypsin'
2 non-polymer 'SULFATE ION'
3 non-polymer 3-aminobenzamide
4 non-polymer 'CALCIUM ION'
5 non-polymer 'DIMETHYL SULFOXIDE'
6 water water
#
_entity_poly.entity_id   1
_entity_poly.type   'polypeptide(L)'
_entity_poly.pdbx_seq_one_letter_code
;IVGGYTCGANTVPYQVSLNSGYHFCGGSLINSQWVVSAAHCYKSGIQVRLGEDNINVVEGNEQFISASKSIVHPSYNSNT
LNNDIMLIKLKSAASLNSRVASISLPTSCASAGTQCLISGWGNTKSSGTSYPDVLKCLKAPILSDSSCKSAYPGQITSNM
FCAGYLEGGKDSCQGDSGGPVVCSGKLQGIVSWGSGCAQKNKPGVYTKVCNYVSWIKQTIASN
;
_entity_poly.pdbx_strand_id   A
#
loop_
_chem_comp.id
_chem_comp.type
_chem_comp.name
_chem_comp.formula
3AB non-polymer 3-aminobenzamide 'C7 H8 N2 O'
CA non-polymer 'CALCIUM ION' 'Ca 2'
DMS non-polymer 'DIMETHYL SULFOXIDE' 'C2 H6 O S'
SO4 non-polymer 'SULFATE ION' 'O4 S -2'
#
# COMPACT_ATOMS: atom_id res chain seq x y z
N ILE A 1 -6.03 5.04 -8.01
CA ILE A 1 -5.99 3.92 -8.93
C ILE A 1 -6.56 4.39 -10.27
N VAL A 2 -5.79 4.23 -11.35
CA VAL A 2 -6.23 4.58 -12.70
C VAL A 2 -6.60 3.29 -13.42
N GLY A 3 -7.76 3.28 -14.06
CA GLY A 3 -8.14 2.15 -14.88
C GLY A 3 -8.60 0.95 -14.10
N GLY A 4 -8.98 1.13 -12.85
CA GLY A 4 -9.46 0.07 -12.01
C GLY A 4 -10.97 0.07 -11.91
N TYR A 5 -11.46 -0.48 -10.81
CA TYR A 5 -12.89 -0.65 -10.62
C TYR A 5 -13.23 -0.43 -9.14
N THR A 6 -14.49 -0.15 -8.87
CA THR A 6 -14.93 0.00 -7.49
C THR A 6 -14.89 -1.36 -6.80
N CYS A 7 -14.13 -1.46 -5.71
CA CYS A 7 -13.92 -2.76 -5.07
C CYS A 7 -15.24 -3.35 -4.58
N GLY A 8 -16.04 -2.52 -3.95
CA GLY A 8 -17.18 -2.97 -3.18
C GLY A 8 -16.85 -2.80 -1.71
N ALA A 9 -17.85 -2.41 -0.92
CA ALA A 9 -17.61 -2.01 0.45
C ALA A 9 -17.03 -3.14 1.28
N ASN A 10 -15.87 -2.89 1.88
CA ASN A 10 -15.21 -3.78 2.83
C ASN A 10 -14.76 -5.09 2.21
N THR A 11 -14.59 -5.12 0.88
CA THR A 11 -14.09 -6.30 0.21
C THR A 11 -12.57 -6.42 0.28
N VAL A 12 -11.89 -5.40 0.77
CA VAL A 12 -10.44 -5.40 0.96
C VAL A 12 -10.24 -5.05 2.45
N PRO A 13 -10.52 -5.98 3.36
CA PRO A 13 -10.69 -5.58 4.76
C PRO A 13 -9.41 -5.24 5.50
N TYR A 14 -8.24 -5.50 4.90
CA TYR A 14 -6.95 -5.11 5.44
C TYR A 14 -6.52 -3.72 4.98
N GLN A 15 -7.26 -3.09 4.06
CA GLN A 15 -6.89 -1.76 3.58
C GLN A 15 -7.23 -0.74 4.65
N VAL A 16 -6.27 0.11 4.99
CA VAL A 16 -6.53 1.22 5.89
C VAL A 16 -6.26 2.53 5.16
N SER A 17 -6.86 3.59 5.70
CA SER A 17 -6.61 4.96 5.30
C SER A 17 -5.86 5.65 6.42
N LEU A 18 -4.75 6.31 6.10
CA LEU A 18 -4.05 7.14 7.07
C LEU A 18 -4.57 8.56 6.95
N ASN A 19 -4.98 9.14 8.08
CA ASN A 19 -5.68 10.42 8.11
C ASN A 19 -4.96 11.37 9.06
N SER A 20 -4.68 12.57 8.58
CA SER A 20 -4.12 13.65 9.41
C SER A 20 -4.95 14.91 9.27
N GLY A 21 -6.27 14.75 9.37
CA GLY A 21 -7.24 15.77 9.01
C GLY A 21 -7.87 15.56 7.65
N TYR A 22 -7.38 14.57 6.91
CA TYR A 22 -7.74 14.25 5.55
C TYR A 22 -6.99 12.96 5.24
N HIS A 23 -7.51 12.19 4.27
CA HIS A 23 -6.79 11.01 3.81
C HIS A 23 -5.52 11.44 3.08
N PHE A 24 -4.39 10.80 3.38
CA PHE A 24 -3.17 11.12 2.64
C PHE A 24 -2.39 9.90 2.17
N CYS A 25 -2.67 8.70 2.66
CA CYS A 25 -1.93 7.51 2.24
C CYS A 25 -2.76 6.31 2.64
N GLY A 26 -2.47 5.17 2.00
CA GLY A 26 -3.00 3.91 2.42
C GLY A 26 -2.04 3.19 3.36
N GLY A 27 -2.47 2.01 3.79
CA GLY A 27 -1.67 1.11 4.60
C GLY A 27 -2.38 -0.22 4.66
N SER A 28 -1.75 -1.19 5.30
CA SER A 28 -2.27 -2.54 5.41
C SER A 28 -2.21 -3.01 6.86
N LEU A 29 -3.31 -3.55 7.35
CA LEU A 29 -3.36 -4.11 8.70
C LEU A 29 -2.69 -5.49 8.70
N ILE A 30 -1.66 -5.67 9.53
CA ILE A 30 -0.96 -6.94 9.58
C ILE A 30 -1.20 -7.71 10.89
N ASN A 31 -1.66 -7.06 11.94
CA ASN A 31 -2.25 -7.74 13.10
C ASN A 31 -3.09 -6.70 13.81
N SER A 32 -3.71 -7.07 14.93
CA SER A 32 -4.67 -6.14 15.53
C SER A 32 -4.00 -4.86 16.01
N GLN A 33 -2.67 -4.85 16.13
CA GLN A 33 -1.96 -3.73 16.71
C GLN A 33 -1.09 -2.96 15.73
N TRP A 34 -0.90 -3.44 14.50
CA TRP A 34 0.15 -2.94 13.63
C TRP A 34 -0.30 -2.81 12.18
N VAL A 35 0.12 -1.71 11.57
CA VAL A 35 -0.10 -1.38 10.17
C VAL A 35 1.25 -1.18 9.49
N VAL A 36 1.33 -1.66 8.23
N VAL A 36 1.35 -1.62 8.23
CA VAL A 36 2.47 -1.45 7.33
CA VAL A 36 2.53 -1.36 7.44
C VAL A 36 2.08 -0.38 6.32
C VAL A 36 2.15 -0.44 6.29
N SER A 37 2.99 0.56 6.05
CA SER A 37 2.76 1.59 5.03
C SER A 37 4.11 1.94 4.41
N ALA A 38 4.14 3.01 3.63
CA ALA A 38 5.36 3.49 3.00
C ALA A 38 6.03 4.51 3.91
N ALA A 39 7.36 4.42 3.99
CA ALA A 39 8.12 5.41 4.75
C ALA A 39 7.88 6.82 4.24
N HIS A 40 7.66 7.01 2.94
CA HIS A 40 7.46 8.35 2.44
C HIS A 40 6.12 8.93 2.86
N CYS A 41 5.27 8.12 3.49
CA CYS A 41 4.02 8.57 4.10
C CYS A 41 4.20 9.03 5.54
N TYR A 42 5.42 8.99 6.07
CA TYR A 42 5.61 9.32 7.47
C TYR A 42 5.16 10.75 7.77
N LYS A 43 4.46 10.92 8.89
CA LYS A 43 4.27 12.22 9.53
C LYS A 43 3.83 11.92 10.96
N SER A 44 3.88 12.95 11.80
CA SER A 44 3.34 12.81 13.14
C SER A 44 1.84 13.02 13.13
N GLY A 45 1.18 12.52 14.17
CA GLY A 45 -0.25 12.75 14.35
C GLY A 45 -1.15 11.94 13.43
N ILE A 46 -0.76 10.72 13.12
CA ILE A 46 -1.55 9.88 12.22
C ILE A 46 -2.71 9.25 12.99
N GLN A 47 -3.89 9.29 12.38
CA GLN A 47 -5.02 8.45 12.79
C GLN A 47 -5.23 7.39 11.73
N VAL A 48 -5.28 6.13 12.16
CA VAL A 48 -5.54 5.02 11.25
C VAL A 48 -7.04 4.80 11.19
N ARG A 49 -7.56 4.70 9.96
CA ARG A 49 -8.98 4.48 9.74
C ARG A 49 -9.17 3.13 9.08
N LEU A 50 -9.83 2.23 9.81
N LEU A 50 -9.81 2.22 9.82
CA LEU A 50 -10.08 0.86 9.39
CA LEU A 50 -10.09 0.87 9.38
C LEU A 50 -11.56 0.68 9.08
C LEU A 50 -11.55 0.75 8.98
N GLY A 51 -11.87 -0.31 8.25
CA GLY A 51 -13.25 -0.59 7.92
C GLY A 51 -13.90 0.41 6.98
N GLU A 52 -13.09 1.19 6.26
CA GLU A 52 -13.60 2.26 5.42
C GLU A 52 -14.01 1.75 4.04
N ASP A 53 -15.10 2.34 3.51
CA ASP A 53 -15.33 2.29 2.08
C ASP A 53 -15.38 3.72 1.53
N ASN A 54 -16.46 4.46 1.74
CA ASN A 54 -16.47 5.88 1.39
C ASN A 54 -15.75 6.64 2.51
N ILE A 55 -14.58 7.20 2.20
CA ILE A 55 -13.80 7.89 3.23
C ILE A 55 -14.38 9.22 3.65
N ASN A 56 -15.40 9.72 2.94
CA ASN A 56 -16.05 10.96 3.31
C ASN A 56 -17.37 10.75 4.05
N VAL A 57 -17.79 9.52 4.28
CA VAL A 57 -19.09 9.22 4.90
C VAL A 57 -18.90 8.16 5.96
N VAL A 58 -19.44 8.37 7.15
CA VAL A 58 -19.47 7.33 8.18
C VAL A 58 -20.61 6.37 7.84
N GLU A 59 -20.25 5.15 7.48
CA GLU A 59 -21.20 4.15 7.01
C GLU A 59 -21.53 3.10 8.07
N GLY A 60 -20.74 3.01 9.13
CA GLY A 60 -21.08 2.21 10.29
C GLY A 60 -20.13 1.08 10.64
N ASN A 61 -19.12 0.80 9.82
CA ASN A 61 -18.17 -0.27 10.11
C ASN A 61 -16.77 0.23 10.37
N GLU A 62 -16.59 1.55 10.54
CA GLU A 62 -15.28 2.12 10.71
C GLU A 62 -14.77 1.98 12.14
N GLN A 63 -13.45 1.91 12.26
CA GLN A 63 -12.76 2.12 13.52
C GLN A 63 -11.67 3.16 13.27
N PHE A 64 -11.64 4.20 14.10
CA PHE A 64 -10.66 5.27 13.99
C PHE A 64 -9.76 5.16 15.21
N ILE A 65 -8.46 4.95 15.01
CA ILE A 65 -7.54 4.67 16.11
C ILE A 65 -6.26 5.46 15.88
N SER A 66 -5.87 6.26 16.86
CA SER A 66 -4.63 7.02 16.73
C SER A 66 -3.42 6.10 16.77
N ALA A 67 -2.36 6.50 16.06
CA ALA A 67 -1.09 5.82 16.15
C ALA A 67 -0.36 6.23 17.43
N SER A 68 0.26 5.25 18.08
CA SER A 68 1.06 5.53 19.26
C SER A 68 2.55 5.65 18.94
N LYS A 69 2.99 5.01 17.86
CA LYS A 69 4.38 5.10 17.42
C LYS A 69 4.43 4.77 15.94
N SER A 70 5.43 5.34 15.28
CA SER A 70 5.75 5.02 13.90
C SER A 70 7.23 4.68 13.85
N ILE A 71 7.58 3.70 13.02
CA ILE A 71 8.96 3.24 12.87
C ILE A 71 9.27 3.18 11.40
N VAL A 72 10.05 4.13 10.92
CA VAL A 72 10.54 4.14 9.54
C VAL A 72 11.72 3.18 9.42
N HIS A 73 11.82 2.49 8.31
CA HIS A 73 12.90 1.54 8.13
C HIS A 73 14.25 2.22 8.35
N PRO A 74 15.19 1.57 9.05
CA PRO A 74 16.47 2.23 9.35
C PRO A 74 17.25 2.66 8.12
N SER A 75 17.06 1.99 7.00
CA SER A 75 17.81 2.25 5.78
C SER A 75 17.00 3.04 4.77
N TYR A 76 15.85 3.58 5.15
CA TYR A 76 15.06 4.36 4.21
C TYR A 76 15.87 5.54 3.68
N ASN A 77 15.88 5.69 2.36
CA ASN A 77 16.55 6.81 1.70
C ASN A 77 15.49 7.62 0.98
N SER A 78 15.19 8.81 1.47
CA SER A 78 14.13 9.61 0.92
C SER A 78 14.45 10.14 -0.48
N ASN A 79 15.73 10.20 -0.84
CA ASN A 79 16.10 10.68 -2.17
C ASN A 79 15.76 9.64 -3.24
N THR A 80 15.99 8.36 -2.97
CA THR A 80 15.82 7.29 -3.95
C THR A 80 14.60 6.42 -3.67
N LEU A 81 13.96 6.59 -2.52
CA LEU A 81 12.88 5.75 -2.02
C LEU A 81 13.29 4.29 -1.81
N ASN A 82 14.59 4.01 -1.70
CA ASN A 82 15.01 2.66 -1.33
C ASN A 82 14.58 2.39 0.12
N ASN A 83 14.02 1.20 0.34
CA ASN A 83 13.51 0.78 1.65
C ASN A 83 12.30 1.62 2.08
N ASP A 84 11.34 1.80 1.16
CA ASP A 84 10.18 2.66 1.40
C ASP A 84 9.12 1.88 2.19
N ILE A 85 9.36 1.72 3.49
CA ILE A 85 8.49 0.93 4.35
C ILE A 85 8.55 1.49 5.77
N MET A 86 7.39 1.52 6.42
N MET A 86 7.40 1.43 6.46
CA MET A 86 7.33 1.89 7.83
CA MET A 86 7.23 1.99 7.79
C MET A 86 6.25 1.06 8.51
C MET A 86 6.16 1.20 8.52
N LEU A 87 6.36 1.01 9.83
CA LEU A 87 5.39 0.34 10.69
C LEU A 87 4.73 1.37 11.59
N ILE A 88 3.42 1.20 11.80
CA ILE A 88 2.63 2.09 12.65
C ILE A 88 1.93 1.24 13.69
N LYS A 89 2.09 1.57 14.95
CA LYS A 89 1.42 0.86 16.02
C LYS A 89 0.18 1.62 16.44
N LEU A 90 -0.91 0.89 16.67
CA LEU A 90 -2.17 1.47 17.08
C LEU A 90 -2.21 1.64 18.60
N LYS A 91 -2.77 2.76 19.05
CA LYS A 91 -2.85 3.06 20.48
C LYS A 91 -3.70 2.02 21.22
N SER A 92 -4.73 1.50 20.57
CA SER A 92 -5.54 0.40 21.07
C SER A 92 -5.73 -0.59 19.95
N ALA A 93 -5.87 -1.85 20.31
CA ALA A 93 -5.98 -2.89 19.29
C ALA A 93 -7.28 -2.74 18.51
N ALA A 94 -7.18 -2.95 17.20
CA ALA A 94 -8.37 -3.01 16.37
C ALA A 94 -9.24 -4.20 16.79
N SER A 95 -10.54 -4.05 16.62
CA SER A 95 -11.48 -5.14 16.84
C SER A 95 -11.65 -5.85 15.51
N LEU A 96 -11.09 -7.04 15.39
CA LEU A 96 -11.06 -7.74 14.12
C LEU A 96 -12.41 -8.38 13.83
N ASN A 97 -12.85 -8.27 12.57
CA ASN A 97 -14.13 -8.80 12.11
C ASN A 97 -14.04 -8.98 10.59
N SER A 98 -15.15 -9.34 9.95
CA SER A 98 -15.06 -9.64 8.52
C SER A 98 -14.69 -8.42 7.68
N ARG A 99 -14.92 -7.21 8.20
N ARG A 99 -14.93 -7.22 8.19
CA ARG A 99 -14.63 -5.98 7.47
CA ARG A 99 -14.64 -5.99 7.48
C ARG A 99 -13.35 -5.29 7.94
C ARG A 99 -13.34 -5.31 7.94
N VAL A 100 -12.74 -5.79 9.02
CA VAL A 100 -11.48 -5.26 9.54
C VAL A 100 -10.61 -6.47 9.85
N ALA A 101 -9.69 -6.79 8.95
CA ALA A 101 -8.97 -8.05 9.02
C ALA A 101 -7.53 -7.84 8.62
N SER A 102 -6.65 -8.66 9.15
CA SER A 102 -5.24 -8.55 8.81
C SER A 102 -4.94 -9.34 7.54
N ILE A 103 -3.83 -8.95 6.90
CA ILE A 103 -3.30 -9.64 5.73
C ILE A 103 -1.99 -10.30 6.12
N SER A 104 -1.80 -11.54 5.67
CA SER A 104 -0.59 -12.29 6.00
C SER A 104 0.64 -11.72 5.29
N LEU A 105 1.76 -11.82 5.98
CA LEU A 105 3.04 -11.48 5.38
C LEU A 105 3.56 -12.64 4.52
N PRO A 106 4.38 -12.34 3.52
CA PRO A 106 4.92 -13.40 2.67
C PRO A 106 5.83 -14.35 3.43
N THR A 107 5.79 -15.61 3.01
CA THR A 107 6.78 -16.59 3.43
C THR A 107 7.91 -16.74 2.42
N SER A 108 7.77 -16.15 1.23
CA SER A 108 8.79 -16.06 0.21
C SER A 108 8.34 -14.99 -0.79
N CYS A 109 9.25 -14.63 -1.70
CA CYS A 109 8.93 -13.62 -2.71
C CYS A 109 8.07 -14.24 -3.81
N ALA A 110 7.28 -13.40 -4.47
CA ALA A 110 6.39 -13.84 -5.53
C ALA A 110 7.07 -13.72 -6.88
N SER A 111 6.68 -14.60 -7.79
CA SER A 111 7.29 -14.68 -9.11
C SER A 111 6.69 -13.65 -10.06
N ALA A 112 7.49 -13.27 -11.05
CA ALA A 112 6.95 -12.47 -12.15
C ALA A 112 5.77 -13.21 -12.77
N GLY A 113 4.77 -12.45 -13.19
CA GLY A 113 3.58 -13.01 -13.78
C GLY A 113 2.47 -13.32 -12.80
N THR A 114 2.78 -13.38 -11.50
CA THR A 114 1.74 -13.59 -10.50
C THR A 114 0.79 -12.40 -10.51
N GLN A 115 -0.50 -12.68 -10.44
CA GLN A 115 -1.50 -11.63 -10.44
C GLN A 115 -1.69 -11.13 -9.02
N CYS A 116 -1.82 -9.81 -8.89
CA CYS A 116 -1.96 -9.18 -7.58
C CYS A 116 -3.15 -8.21 -7.59
N LEU A 117 -3.61 -7.87 -6.39
CA LEU A 117 -4.67 -6.89 -6.18
C LEU A 117 -4.06 -5.66 -5.53
N ILE A 118 -4.20 -4.51 -6.20
CA ILE A 118 -3.72 -3.22 -5.72
C ILE A 118 -4.95 -2.35 -5.45
N SER A 119 -4.95 -1.60 -4.35
CA SER A 119 -6.15 -0.87 -3.97
C SER A 119 -5.79 0.46 -3.33
N GLY A 120 -6.73 1.40 -3.39
CA GLY A 120 -6.52 2.70 -2.77
C GLY A 120 -7.56 3.72 -3.16
N TRP A 121 -7.46 4.87 -2.49
CA TRP A 121 -8.32 6.02 -2.71
C TRP A 121 -7.62 7.14 -3.48
N GLY A 122 -6.59 6.82 -4.23
CA GLY A 122 -5.84 7.82 -4.95
C GLY A 122 -6.50 8.26 -6.24
N ASN A 123 -5.78 9.15 -6.93
CA ASN A 123 -6.25 9.74 -8.18
C ASN A 123 -6.61 8.66 -9.19
N THR A 124 -7.71 8.86 -9.91
CA THR A 124 -8.16 7.93 -10.94
C THR A 124 -7.86 8.40 -12.36
N LYS A 125 -7.23 9.56 -12.53
CA LYS A 125 -6.94 10.08 -13.86
C LYS A 125 -5.43 10.08 -14.13
N SER A 126 -5.04 9.70 -15.35
CA SER A 126 -3.64 9.67 -15.74
C SER A 126 -3.10 11.03 -16.19
N SER A 127 -3.97 11.97 -16.54
CA SER A 127 -3.59 13.37 -16.65
C SER A 127 -4.75 14.17 -16.06
N GLY A 128 -4.44 15.05 -15.13
CA GLY A 128 -5.47 15.72 -14.37
C GLY A 128 -5.73 15.01 -13.05
N THR A 129 -6.85 15.36 -12.44
CA THR A 129 -7.09 14.99 -11.05
C THR A 129 -8.56 14.70 -10.79
N SER A 130 -8.83 13.53 -10.23
CA SER A 130 -10.15 13.21 -9.70
C SER A 130 -9.99 12.15 -8.62
N TYR A 131 -10.45 12.45 -7.43
CA TYR A 131 -10.32 11.53 -6.31
C TYR A 131 -11.66 10.85 -6.01
N PRO A 132 -11.69 9.51 -5.80
N PRO A 132 -11.64 9.53 -5.89
CA PRO A 132 -12.94 8.74 -5.97
CA PRO A 132 -12.86 8.81 -5.55
C PRO A 132 -13.86 8.57 -4.76
C PRO A 132 -13.11 8.88 -4.05
N ASP A 133 -13.36 8.78 -3.54
N ASP A 133 -14.38 8.83 -3.71
CA ASP A 133 -14.16 8.64 -2.33
CA ASP A 133 -14.73 8.69 -2.30
C ASP A 133 -14.36 7.20 -1.88
C ASP A 133 -14.66 7.24 -1.84
N VAL A 134 -14.85 6.29 -2.76
CA VAL A 134 -14.90 4.87 -2.44
C VAL A 134 -13.63 4.16 -2.91
N LEU A 135 -13.36 3.01 -2.30
CA LEU A 135 -12.10 2.30 -2.57
C LEU A 135 -12.10 1.71 -3.97
N LYS A 136 -10.98 1.90 -4.67
CA LYS A 136 -10.79 1.38 -6.01
C LYS A 136 -9.78 0.25 -5.98
N CYS A 137 -9.93 -0.68 -6.93
CA CYS A 137 -9.15 -1.89 -7.03
C CYS A 137 -8.61 -2.05 -8.44
N LEU A 138 -7.47 -2.72 -8.54
CA LEU A 138 -6.83 -3.04 -9.81
C LEU A 138 -6.17 -4.40 -9.70
N LYS A 139 -6.47 -5.30 -10.64
CA LYS A 139 -5.72 -6.54 -10.78
C LYS A 139 -4.58 -6.30 -11.76
N ALA A 140 -3.36 -6.68 -11.34
CA ALA A 140 -2.21 -6.40 -12.17
C ALA A 140 -1.12 -7.42 -11.86
N PRO A 141 -0.34 -7.83 -12.87
CA PRO A 141 0.70 -8.82 -12.65
C PRO A 141 2.03 -8.19 -12.26
N ILE A 142 2.82 -8.96 -11.50
CA ILE A 142 4.20 -8.62 -11.26
C ILE A 142 4.95 -8.69 -12.58
N LEU A 143 5.73 -7.66 -12.88
CA LEU A 143 6.51 -7.60 -14.09
C LEU A 143 7.92 -8.12 -13.83
N SER A 144 8.55 -8.59 -14.90
CA SER A 144 9.92 -9.07 -14.79
C SER A 144 10.85 -7.95 -14.31
N ASP A 145 11.88 -8.35 -13.55
CA ASP A 145 12.85 -7.37 -13.09
C ASP A 145 13.50 -6.62 -14.26
N SER A 146 13.75 -7.31 -15.37
CA SER A 146 14.37 -6.63 -16.52
C SER A 146 13.46 -5.57 -17.13
N SER A 147 12.15 -5.85 -17.23
N SER A 147 12.15 -5.87 -17.27
CA SER A 147 11.24 -4.83 -17.74
CA SER A 147 11.23 -4.84 -17.72
C SER A 147 11.12 -3.65 -16.78
C SER A 147 11.25 -3.64 -16.78
N CYS A 148 11.25 -3.91 -15.47
CA CYS A 148 11.20 -2.84 -14.49
C CYS A 148 12.43 -1.95 -14.59
N LYS A 149 13.62 -2.58 -14.61
CA LYS A 149 14.85 -1.81 -14.68
C LYS A 149 15.02 -1.11 -16.02
N SER A 150 14.50 -1.70 -17.09
CA SER A 150 14.51 -1.02 -18.39
C SER A 150 13.68 0.24 -18.36
N ALA A 151 12.54 0.21 -17.65
CA ALA A 151 11.68 1.38 -17.59
C ALA A 151 12.29 2.48 -16.74
N TYR A 152 13.08 2.12 -15.72
CA TYR A 152 13.62 3.07 -14.76
C TYR A 152 15.11 2.81 -14.56
N PRO A 153 15.91 3.00 -15.61
CA PRO A 153 17.35 2.71 -15.49
C PRO A 153 17.99 3.53 -14.37
N GLY A 154 18.82 2.86 -13.58
CA GLY A 154 19.52 3.48 -12.48
C GLY A 154 18.71 3.76 -11.24
N GLN A 155 17.43 3.37 -11.19
CA GLN A 155 16.57 3.70 -10.06
C GLN A 155 16.00 2.51 -9.31
N ILE A 156 16.10 1.30 -9.83
CA ILE A 156 15.47 0.13 -9.23
C ILE A 156 16.51 -0.62 -8.40
N THR A 157 16.20 -0.84 -7.14
CA THR A 157 17.03 -1.67 -6.28
C THR A 157 16.36 -3.03 -6.08
N SER A 158 17.10 -3.91 -5.41
CA SER A 158 16.56 -5.22 -5.07
C SER A 158 15.38 -5.12 -4.11
N ASN A 159 15.10 -3.95 -3.55
CA ASN A 159 13.99 -3.75 -2.63
C ASN A 159 12.75 -3.19 -3.31
N MET A 160 12.71 -3.22 -4.63
CA MET A 160 11.61 -2.69 -5.42
C MET A 160 11.24 -3.71 -6.47
N PHE A 161 9.97 -3.69 -6.87
CA PHE A 161 9.51 -4.42 -8.05
C PHE A 161 8.46 -3.58 -8.77
N CYS A 162 8.24 -3.92 -10.03
CA CYS A 162 7.21 -3.28 -10.81
C CYS A 162 6.02 -4.21 -11.00
N ALA A 163 4.83 -3.63 -11.08
CA ALA A 163 3.63 -4.37 -11.40
C ALA A 163 2.74 -3.47 -12.24
N GLY A 164 1.92 -4.07 -13.08
CA GLY A 164 1.08 -3.30 -13.96
C GLY A 164 1.19 -3.74 -15.40
N TYR A 165 1.12 -2.76 -16.30
CA TYR A 165 0.96 -3.01 -17.73
C TYR A 165 1.84 -2.04 -18.49
N LEU A 166 2.78 -2.58 -19.27
CA LEU A 166 3.66 -1.71 -20.05
C LEU A 166 2.88 -0.88 -21.07
N GLU A 167 1.70 -1.34 -21.50
CA GLU A 167 0.91 -0.56 -22.43
C GLU A 167 0.31 0.68 -21.78
N GLY A 168 0.38 0.80 -20.46
CA GLY A 168 -0.24 1.90 -19.74
C GLY A 168 -1.72 1.67 -19.50
N GLY A 169 -2.37 2.71 -18.98
CA GLY A 169 -3.80 2.72 -18.80
C GLY A 169 -4.30 2.23 -17.47
N LYS A 170 -3.51 1.43 -16.75
CA LYS A 170 -3.92 0.85 -15.47
C LYS A 170 -2.73 0.92 -14.53
N ASP A 171 -2.90 1.54 -13.36
CA ASP A 171 -1.78 1.82 -12.47
C ASP A 171 -2.30 2.33 -11.13
N SER A 172 -1.42 2.35 -10.14
CA SER A 172 -1.63 3.13 -8.92
C SER A 172 -1.17 4.57 -9.15
N CYS A 173 -1.58 5.47 -8.26
CA CYS A 173 -1.33 6.87 -8.48
C CYS A 173 -1.29 7.60 -7.14
N GLN A 174 -1.05 8.91 -7.20
CA GLN A 174 -0.99 9.76 -6.02
C GLN A 174 -2.19 9.53 -5.12
N GLY A 175 -1.92 9.33 -3.84
CA GLY A 175 -2.94 9.05 -2.85
C GLY A 175 -3.11 7.57 -2.56
N ASP A 176 -2.57 6.71 -3.42
CA ASP A 176 -2.54 5.27 -3.19
C ASP A 176 -1.31 4.84 -2.40
N SER A 177 -0.31 5.71 -2.29
CA SER A 177 0.96 5.37 -1.65
C SER A 177 0.73 4.78 -0.28
N GLY A 178 1.55 3.81 0.04
CA GLY A 178 1.48 3.11 1.30
C GLY A 178 0.52 1.95 1.31
N GLY A 179 -0.35 1.84 0.32
CA GLY A 179 -1.36 0.81 0.29
C GLY A 179 -0.82 -0.50 -0.23
N PRO A 180 -1.71 -1.51 -0.21
CA PRO A 180 -1.29 -2.90 -0.44
C PRO A 180 -1.22 -3.33 -1.90
N VAL A 181 -0.28 -4.26 -2.12
CA VAL A 181 -0.25 -5.14 -3.30
C VAL A 181 -0.30 -6.55 -2.74
N VAL A 182 -1.41 -7.24 -2.93
CA VAL A 182 -1.63 -8.58 -2.39
C VAL A 182 -1.64 -9.59 -3.52
N CYS A 183 -0.85 -10.65 -3.37
CA CYS A 183 -0.73 -11.68 -4.39
C CYS A 183 -0.83 -13.02 -3.67
N SER A 184 -1.74 -13.88 -4.14
CA SER A 184 -1.90 -15.20 -3.53
C SER A 184 -2.07 -15.11 -2.02
N GLY A 185 -2.82 -14.11 -1.57
CA GLY A 185 -3.16 -13.99 -0.17
C GLY A 185 -2.09 -13.40 0.72
N LYS A 186 -0.99 -12.90 0.15
CA LYS A 186 0.11 -12.34 0.93
C LYS A 186 0.37 -10.90 0.51
N LEU A 187 0.78 -10.09 1.47
CA LEU A 187 1.17 -8.71 1.21
C LEU A 187 2.58 -8.70 0.62
N GLN A 188 2.67 -8.60 -0.70
CA GLN A 188 3.96 -8.64 -1.38
C GLN A 188 4.50 -7.25 -1.71
N GLY A 189 3.64 -6.23 -1.78
CA GLY A 189 4.10 -4.91 -2.16
C GLY A 189 3.40 -3.81 -1.36
N ILE A 190 4.07 -2.65 -1.37
CA ILE A 190 3.53 -1.39 -0.87
C ILE A 190 3.62 -0.39 -2.01
N VAL A 191 2.53 0.33 -2.27
CA VAL A 191 2.54 1.36 -3.30
C VAL A 191 3.61 2.40 -2.96
N SER A 192 4.58 2.57 -3.87
CA SER A 192 5.73 3.42 -3.56
C SER A 192 5.88 4.60 -4.52
N TRP A 193 6.16 4.38 -5.80
CA TRP A 193 6.38 5.53 -6.68
C TRP A 193 6.20 5.10 -8.14
N GLY A 194 6.32 6.08 -9.03
CA GLY A 194 6.33 5.81 -10.46
C GLY A 194 6.50 7.13 -11.19
N SER A 195 6.72 7.02 -12.50
CA SER A 195 6.79 8.20 -13.36
C SER A 195 5.38 8.47 -13.89
N GLY A 196 4.74 9.50 -13.37
CA GLY A 196 3.34 9.68 -13.65
C GLY A 196 2.54 8.46 -13.22
N CYS A 197 1.37 8.32 -13.84
CA CYS A 197 0.44 7.22 -13.55
C CYS A 197 -0.09 6.69 -14.86
N ALA A 198 -0.05 5.38 -15.04
CA ALA A 198 -0.68 4.70 -16.17
C ALA A 198 -0.08 5.08 -17.52
N GLN A 199 1.14 5.61 -17.52
CA GLN A 199 1.83 5.95 -18.75
C GLN A 199 2.48 4.73 -19.37
N LYS A 200 2.57 4.74 -20.70
CA LYS A 200 3.18 3.62 -21.41
C LYS A 200 4.63 3.48 -20.99
N ASN A 201 5.05 2.23 -20.77
CA ASN A 201 6.43 1.86 -20.42
C ASN A 201 6.88 2.45 -19.09
N LYS A 202 5.94 2.84 -18.22
CA LYS A 202 6.26 3.39 -16.91
C LYS A 202 5.33 2.77 -15.88
N PRO A 203 5.51 1.49 -15.58
CA PRO A 203 4.65 0.84 -14.60
C PRO A 203 4.94 1.36 -13.20
N GLY A 204 4.00 1.12 -12.30
CA GLY A 204 4.23 1.47 -10.91
C GLY A 204 5.33 0.64 -10.28
N VAL A 205 6.01 1.27 -9.32
CA VAL A 205 7.08 0.68 -8.54
C VAL A 205 6.59 0.48 -7.11
N TYR A 206 6.93 -0.66 -6.52
CA TYR A 206 6.39 -1.10 -5.26
C TYR A 206 7.52 -1.58 -4.36
N THR A 207 7.36 -1.35 -3.06
CA THR A 207 8.35 -1.86 -2.12
C THR A 207 8.20 -3.37 -2.01
N LYS A 208 9.33 -4.08 -2.04
CA LYS A 208 9.33 -5.54 -2.08
C LYS A 208 9.28 -6.09 -0.65
N VAL A 209 8.05 -6.33 -0.17
CA VAL A 209 7.81 -6.65 1.23
C VAL A 209 8.53 -7.92 1.67
N CYS A 210 8.68 -8.90 0.77
CA CYS A 210 9.27 -10.17 1.17
C CYS A 210 10.69 -10.00 1.70
N ASN A 211 11.38 -8.90 1.35
CA ASN A 211 12.71 -8.67 1.86
C ASN A 211 12.71 -8.16 3.31
N TYR A 212 11.55 -7.79 3.84
CA TYR A 212 11.43 -7.10 5.11
C TYR A 212 10.74 -7.93 6.18
N VAL A 213 10.39 -9.18 5.90
CA VAL A 213 9.58 -9.93 6.85
C VAL A 213 10.30 -10.10 8.19
N SER A 214 11.59 -10.43 8.15
N SER A 214 11.59 -10.43 8.15
CA SER A 214 12.31 -10.58 9.41
CA SER A 214 12.33 -10.58 9.40
C SER A 214 12.39 -9.26 10.17
C SER A 214 12.37 -9.26 10.15
N TRP A 215 12.64 -8.15 9.46
CA TRP A 215 12.64 -6.84 10.12
C TRP A 215 11.27 -6.53 10.73
N ILE A 216 10.19 -6.82 9.99
CA ILE A 216 8.85 -6.55 10.50
C ILE A 216 8.60 -7.35 11.77
N LYS A 217 8.84 -8.65 11.71
CA LYS A 217 8.52 -9.51 12.84
C LYS A 217 9.36 -9.15 14.06
N GLN A 218 10.65 -8.87 13.86
CA GLN A 218 11.50 -8.53 15.00
C GLN A 218 11.14 -7.18 15.57
N THR A 219 10.81 -6.21 14.72
CA THR A 219 10.46 -4.87 15.18
C THR A 219 9.17 -4.91 15.99
N ILE A 220 8.15 -5.60 15.48
N ILE A 220 8.14 -5.62 15.50
CA ILE A 220 6.87 -5.69 16.20
CA ILE A 220 6.89 -5.61 16.25
C ILE A 220 7.08 -6.35 17.54
C ILE A 220 6.99 -6.41 17.54
N ALA A 221 7.88 -7.41 17.58
CA ALA A 221 8.08 -8.16 18.81
C ALA A 221 8.82 -7.36 19.87
N SER A 222 9.53 -6.31 19.48
CA SER A 222 10.32 -5.51 20.41
C SER A 222 9.70 -4.15 20.69
N ASN A 223 8.49 -3.88 20.20
CA ASN A 223 7.87 -2.56 20.32
C ASN A 223 6.39 -2.70 20.63
S SO4 B . 2.21 10.20 -3.15
O1 SO4 B . 1.23 9.23 -3.60
O2 SO4 B . 3.42 10.05 -3.96
O3 SO4 B . 2.59 9.88 -1.77
O4 SO4 B . 1.73 11.57 -3.24
N3 3AB C . 2.45 4.36 -9.41
C3 3AB C . 2.48 5.48 -8.56
C2 3AB C . 2.54 6.77 -9.09
C4 3AB C . 2.41 5.33 -7.17
C5 3AB C . 2.37 6.44 -6.34
C6 3AB C . 2.41 7.70 -6.88
C1 3AB C . 2.49 7.88 -8.25
C1' 3AB C . 2.52 9.23 -8.90
O1' 3AB C . 1.71 10.10 -8.53
N1' 3AB C . 3.40 9.43 -9.88
CA CA D . -16.48 5.87 5.85
S DMS E . -12.60 -6.65 -5.35
O DMS E . -11.96 -7.38 -6.50
C1 DMS E . -14.28 -7.29 -5.05
C2 DMS E . -11.76 -7.18 -3.84
S DMS F . 13.14 8.46 -6.25
O DMS F . 14.22 8.50 -7.28
C1 DMS F . 12.21 10.03 -6.29
C2 DMS F . 11.83 7.37 -6.84
#